data_4Y12
#
_entry.id   4Y12
#
_cell.length_a   75.452
_cell.length_b   37.183
_cell.length_c   108.032
_cell.angle_alpha   90.00
_cell.angle_beta   97.93
_cell.angle_gamma   90.00
#
_symmetry.space_group_name_H-M   'C 1 2 1'
#
loop_
_entity.id
_entity.type
_entity.pdbx_description
1 polymer 'Serine/threonine-protein kinase PknG'
2 non-polymer 'PHOSPHOTHIOPHOSPHORIC ACID-ADENYLATE ESTER'
3 non-polymer 'ZINC ION'
4 non-polymer 'MAGNESIUM ION'
5 water water
#
_entity_poly.entity_id   1
_entity_poly.type   'polypeptide(L)'
_entity_poly.pdbx_seq_one_letter_code
;MGSSHHHHHHSSGLVPRGSHMASMTGGQQMGRGSEFENLYFQGLGGGLVEIPRAPDIDPLEALMTNPVVPESKRFCWNCG
RPVGRSDSETKGASEGWCPYCGSPYSFLPQLNPGDIVAGQYEVKGCIAHGGLGWIYLALDRNVNGRPVVLKGLVHSGDAE
AQAMAMAERQFLAEVVHPSIVQIFNFVEHTDRHGDPVGYIVMEYVGGQSLKRSKGQKLPVAEAIAYLLEILPALSYLHSI
GLVYNDLKPENIMLTEEQLKLIDLGAVSRINSFGYLYGTPGFQAPEIVRTGPTVATDIYTVGRTLAALTLDLPTRNGRYV
DGLPEDDPVLKTYDSYGRLLRRAIDPDPRQRFTTAEEMSAQLTGVLREVVAQDTG
;
_entity_poly.pdbx_strand_id   A
#
# COMPACT_ATOMS: atom_id res chain seq x y z
N ARG A 53 -14.78 -36.28 -18.18
CA ARG A 53 -14.74 -35.90 -16.76
C ARG A 53 -14.02 -34.55 -16.59
N ALA A 54 -14.64 -33.64 -15.82
CA ALA A 54 -14.10 -32.30 -15.52
C ALA A 54 -13.10 -32.40 -14.37
N PRO A 55 -11.98 -31.63 -14.38
CA PRO A 55 -10.96 -31.79 -13.32
C PRO A 55 -11.21 -31.09 -11.98
N ASP A 56 -10.64 -31.65 -10.91
CA ASP A 56 -10.68 -31.05 -9.58
C ASP A 56 -9.40 -30.22 -9.46
N ILE A 57 -9.54 -28.91 -9.58
CA ILE A 57 -8.42 -27.97 -9.54
C ILE A 57 -8.36 -27.29 -8.18
N ASP A 58 -7.15 -27.15 -7.63
CA ASP A 58 -6.89 -26.42 -6.39
C ASP A 58 -6.93 -24.92 -6.80
N PRO A 59 -7.95 -24.15 -6.35
CA PRO A 59 -8.04 -22.72 -6.74
C PRO A 59 -6.89 -21.84 -6.27
N LEU A 60 -6.07 -22.34 -5.32
CA LEU A 60 -4.92 -21.56 -4.85
C LEU A 60 -3.85 -21.39 -5.92
N GLU A 61 -3.72 -22.41 -6.80
CA GLU A 61 -2.70 -22.44 -7.85
C GLU A 61 -2.78 -21.24 -8.79
N ALA A 62 -4.01 -20.87 -9.20
CA ALA A 62 -4.26 -19.72 -10.07
C ALA A 62 -3.96 -18.35 -9.37
N LEU A 63 -3.89 -18.32 -8.03
CA LEU A 63 -3.63 -17.10 -7.24
C LEU A 63 -2.15 -16.82 -7.03
N MET A 64 -1.28 -17.78 -7.36
CA MET A 64 0.13 -17.60 -7.08
C MET A 64 0.97 -17.34 -8.32
N THR A 65 2.08 -16.63 -8.10
CA THR A 65 3.00 -16.21 -9.15
C THR A 65 4.29 -17.03 -9.12
N ASN A 66 4.99 -17.08 -10.28
CA ASN A 66 6.27 -17.77 -10.36
C ASN A 66 7.25 -17.03 -9.43
N PRO A 67 7.98 -17.75 -8.53
CA PRO A 67 8.80 -17.03 -7.54
C PRO A 67 10.15 -16.54 -8.06
N VAL A 68 10.11 -15.77 -9.17
CA VAL A 68 11.30 -15.19 -9.78
C VAL A 68 11.01 -13.71 -10.05
N VAL A 69 11.94 -12.83 -9.69
CA VAL A 69 11.76 -11.41 -9.93
C VAL A 69 12.41 -11.07 -11.30
N PRO A 70 11.65 -10.57 -12.30
CA PRO A 70 12.28 -10.21 -13.59
C PRO A 70 13.31 -9.10 -13.38
N GLU A 71 14.40 -9.10 -14.17
CA GLU A 71 15.49 -8.14 -14.02
C GLU A 71 15.07 -6.69 -13.98
N SER A 72 14.09 -6.29 -14.80
CA SER A 72 13.56 -4.92 -14.83
C SER A 72 12.94 -4.45 -13.49
N LYS A 73 12.63 -5.40 -12.57
CA LYS A 73 11.98 -5.08 -11.31
C LYS A 73 12.88 -5.24 -10.09
N ARG A 74 14.19 -5.41 -10.31
CA ARG A 74 15.18 -5.61 -9.25
C ARG A 74 15.84 -4.33 -8.83
N PHE A 75 15.59 -3.91 -7.60
CA PHE A 75 16.17 -2.67 -7.09
C PHE A 75 16.66 -2.90 -5.70
N CYS A 76 17.60 -2.05 -5.26
CA CYS A 76 18.14 -2.09 -3.92
C CYS A 76 17.11 -1.49 -2.99
N TRP A 77 16.76 -2.18 -1.91
CA TRP A 77 15.80 -1.67 -0.92
C TRP A 77 16.33 -0.43 -0.17
N ASN A 78 17.65 -0.27 -0.09
CA ASN A 78 18.29 0.81 0.66
C ASN A 78 18.50 2.07 -0.12
N CYS A 79 19.12 1.97 -1.31
CA CYS A 79 19.42 3.17 -2.08
C CYS A 79 18.52 3.36 -3.32
N GLY A 80 17.70 2.37 -3.63
CA GLY A 80 16.76 2.42 -4.76
C GLY A 80 17.35 2.11 -6.12
N ARG A 81 18.68 1.99 -6.23
CA ARG A 81 19.35 1.73 -7.50
C ARG A 81 19.08 0.33 -8.04
N PRO A 82 19.13 0.16 -9.38
CA PRO A 82 18.98 -1.19 -9.97
C PRO A 82 20.11 -2.10 -9.46
N VAL A 83 19.77 -3.35 -9.09
CA VAL A 83 20.73 -4.37 -8.64
C VAL A 83 20.36 -5.69 -9.32
N GLY A 84 21.28 -6.67 -9.31
CA GLY A 84 21.00 -8.00 -9.87
C GLY A 84 20.73 -8.01 -11.36
N ARG A 85 21.34 -7.05 -12.09
CA ARG A 85 21.17 -6.88 -13.53
C ARG A 85 22.26 -7.55 -14.34
N SER A 86 21.88 -8.09 -15.51
CA SER A 86 22.80 -8.71 -16.46
C SER A 86 23.30 -7.59 -17.36
N ASP A 87 24.61 -7.58 -17.61
CA ASP A 87 25.29 -6.60 -18.46
C ASP A 87 25.83 -7.31 -19.71
N SER A 88 26.60 -6.59 -20.57
CA SER A 88 27.22 -7.16 -21.76
C SER A 88 28.42 -8.03 -21.33
N GLU A 89 28.76 -7.97 -20.02
CA GLU A 89 29.86 -8.69 -19.40
C GLU A 89 29.42 -9.91 -18.58
N THR A 90 28.52 -9.74 -17.59
CA THR A 90 28.09 -10.84 -16.69
C THR A 90 26.60 -10.88 -16.36
N LYS A 91 26.10 -12.10 -16.05
CA LYS A 91 24.72 -12.37 -15.67
C LYS A 91 24.41 -11.84 -14.26
N GLY A 92 23.21 -11.32 -14.09
CA GLY A 92 22.76 -10.74 -12.83
C GLY A 92 22.46 -11.76 -11.76
N ALA A 93 23.07 -11.60 -10.59
CA ALA A 93 22.88 -12.51 -9.46
C ALA A 93 21.55 -12.24 -8.74
N SER A 94 20.83 -13.32 -8.38
CA SER A 94 19.55 -13.25 -7.65
C SER A 94 19.75 -12.78 -6.21
N GLU A 95 20.98 -12.89 -5.68
CA GLU A 95 21.34 -12.37 -4.37
C GLU A 95 22.78 -11.91 -4.36
N GLY A 96 23.04 -10.90 -3.56
CA GLY A 96 24.38 -10.32 -3.46
C GLY A 96 24.31 -9.03 -2.67
N TRP A 97 25.21 -8.12 -2.99
CA TRP A 97 25.27 -6.83 -2.29
C TRP A 97 25.18 -5.72 -3.32
N CYS A 98 24.46 -4.64 -2.98
CA CYS A 98 24.34 -3.51 -3.86
C CYS A 98 25.70 -2.89 -4.12
N PRO A 99 26.12 -2.73 -5.41
CA PRO A 99 27.46 -2.19 -5.69
C PRO A 99 27.65 -0.74 -5.25
N TYR A 100 26.55 0.00 -5.02
CA TYR A 100 26.64 1.40 -4.63
C TYR A 100 26.59 1.66 -3.13
N CYS A 101 25.71 1.01 -2.37
CA CYS A 101 25.60 1.28 -0.94
C CYS A 101 26.07 0.12 -0.06
N GLY A 102 26.29 -1.04 -0.67
CA GLY A 102 26.74 -2.26 0.01
C GLY A 102 25.67 -3.01 0.78
N SER A 103 24.37 -2.67 0.58
CA SER A 103 23.30 -3.39 1.30
C SER A 103 23.04 -4.76 0.69
N PRO A 104 22.80 -5.81 1.52
CA PRO A 104 22.51 -7.14 0.95
C PRO A 104 21.16 -7.16 0.28
N TYR A 105 21.01 -7.92 -0.79
CA TYR A 105 19.72 -8.06 -1.49
C TYR A 105 19.52 -9.55 -1.80
N SER A 106 18.27 -9.96 -1.93
CA SER A 106 17.90 -11.28 -2.36
C SER A 106 16.57 -11.23 -3.01
N PHE A 107 16.48 -11.74 -4.23
CA PHE A 107 15.20 -11.81 -4.92
C PHE A 107 14.61 -13.22 -4.83
N LEU A 108 15.25 -14.09 -4.02
CA LEU A 108 14.77 -15.47 -3.83
C LEU A 108 13.72 -15.53 -2.74
N PRO A 109 12.67 -16.36 -2.88
CA PRO A 109 11.69 -16.47 -1.78
C PRO A 109 12.36 -17.01 -0.49
N GLN A 110 12.00 -16.41 0.66
CA GLN A 110 12.53 -16.76 1.97
C GLN A 110 11.69 -17.85 2.69
N LEU A 111 10.51 -18.16 2.16
CA LEU A 111 9.60 -19.22 2.62
C LEU A 111 9.27 -20.04 1.38
N ASN A 112 9.40 -21.36 1.46
CA ASN A 112 9.14 -22.28 0.35
C ASN A 112 7.82 -23.07 0.51
N PRO A 113 7.17 -23.56 -0.56
CA PRO A 113 5.94 -24.35 -0.39
C PRO A 113 6.17 -25.55 0.53
N GLY A 114 5.27 -25.73 1.50
CA GLY A 114 5.40 -26.80 2.48
C GLY A 114 6.07 -26.41 3.77
N ASP A 115 6.74 -25.21 3.83
CA ASP A 115 7.35 -24.72 5.07
C ASP A 115 6.25 -24.37 6.08
N ILE A 116 6.51 -24.64 7.37
CA ILE A 116 5.57 -24.30 8.42
C ILE A 116 6.13 -23.16 9.30
N VAL A 117 5.39 -22.07 9.38
CA VAL A 117 5.83 -20.93 10.17
C VAL A 117 5.16 -20.93 11.52
N ALA A 118 5.98 -20.88 12.58
CA ALA A 118 5.56 -20.83 13.99
C ALA A 118 4.53 -21.93 14.31
N GLY A 119 4.73 -23.12 13.73
CA GLY A 119 3.84 -24.27 13.86
C GLY A 119 2.38 -24.02 13.46
N GLN A 120 2.10 -22.87 12.81
CA GLN A 120 0.73 -22.44 12.48
C GLN A 120 0.41 -22.22 11.02
N TYR A 121 1.35 -21.67 10.25
CA TYR A 121 1.09 -21.28 8.85
C TYR A 121 1.80 -22.15 7.85
N GLU A 122 1.05 -22.83 6.97
CA GLU A 122 1.60 -23.74 5.96
C GLU A 122 1.74 -22.93 4.70
N VAL A 123 2.97 -22.67 4.32
CA VAL A 123 3.26 -21.85 3.13
C VAL A 123 2.89 -22.61 1.85
N LYS A 124 2.17 -21.93 0.97
CA LYS A 124 1.71 -22.50 -0.32
C LYS A 124 2.52 -21.94 -1.49
N GLY A 125 2.98 -20.70 -1.37
CA GLY A 125 3.79 -20.05 -2.39
C GLY A 125 3.76 -18.54 -2.34
N CYS A 126 4.12 -17.89 -3.47
CA CYS A 126 4.20 -16.44 -3.56
C CYS A 126 3.00 -15.80 -4.28
N ILE A 127 2.52 -14.66 -3.78
CA ILE A 127 1.42 -13.87 -4.37
C ILE A 127 2.01 -12.78 -5.27
N ALA A 128 3.02 -12.07 -4.75
CA ALA A 128 3.64 -10.92 -5.41
C ALA A 128 4.94 -10.58 -4.73
N HIS A 129 5.74 -9.70 -5.37
CA HIS A 129 6.99 -9.20 -4.83
C HIS A 129 6.89 -7.70 -4.71
N GLY A 130 7.30 -7.15 -3.57
CA GLY A 130 7.28 -5.69 -3.37
C GLY A 130 8.54 -5.10 -2.75
N GLY A 131 8.40 -3.92 -2.16
CA GLY A 131 9.48 -3.18 -1.50
C GLY A 131 10.15 -3.94 -0.36
N LEU A 132 9.39 -4.78 0.37
CA LEU A 132 9.89 -5.59 1.48
C LEU A 132 10.09 -7.07 1.05
N GLY A 133 10.23 -7.31 -0.26
CA GLY A 133 10.42 -8.66 -0.79
C GLY A 133 9.09 -9.35 -1.08
N TRP A 134 9.13 -10.68 -1.11
CA TRP A 134 8.01 -11.56 -1.42
C TRP A 134 6.87 -11.51 -0.43
N ILE A 135 5.65 -11.65 -0.96
CA ILE A 135 4.38 -11.73 -0.24
C ILE A 135 3.90 -13.16 -0.45
N TYR A 136 3.74 -13.88 0.65
CA TYR A 136 3.44 -15.30 0.62
C TYR A 136 2.00 -15.61 0.91
N LEU A 137 1.51 -16.69 0.33
CA LEU A 137 0.18 -17.22 0.63
C LEU A 137 0.44 -18.43 1.54
N ALA A 138 -0.35 -18.53 2.62
CA ALA A 138 -0.23 -19.62 3.58
C ALA A 138 -1.59 -20.10 4.07
N LEU A 139 -1.67 -21.28 4.67
CA LEU A 139 -2.95 -21.74 5.24
C LEU A 139 -2.83 -21.70 6.77
N ASP A 140 -3.78 -21.01 7.46
CA ASP A 140 -3.83 -20.85 8.91
C ASP A 140 -4.37 -22.08 9.59
N ARG A 141 -3.50 -22.81 10.28
CA ARG A 141 -3.92 -24.01 11.03
C ARG A 141 -4.86 -23.73 12.21
N ASN A 142 -4.92 -22.49 12.73
CA ASN A 142 -5.85 -22.17 13.85
C ASN A 142 -7.25 -21.79 13.40
N VAL A 143 -7.38 -21.34 12.15
CA VAL A 143 -8.66 -20.88 11.62
C VAL A 143 -9.05 -21.71 10.38
N ASN A 144 -9.22 -23.04 10.56
CA ASN A 144 -9.69 -24.03 9.59
C ASN A 144 -8.86 -24.18 8.27
N GLY A 145 -7.62 -23.76 8.26
CA GLY A 145 -6.84 -23.89 7.03
C GLY A 145 -7.19 -22.79 6.05
N ARG A 146 -7.80 -21.71 6.55
CA ARG A 146 -8.13 -20.53 5.80
C ARG A 146 -6.83 -19.93 5.21
N PRO A 147 -6.81 -19.67 3.89
CA PRO A 147 -5.61 -19.03 3.29
C PRO A 147 -5.38 -17.62 3.88
N VAL A 148 -4.15 -17.30 4.31
CA VAL A 148 -3.74 -16.01 4.89
C VAL A 148 -2.50 -15.51 4.10
N VAL A 149 -2.04 -14.29 4.42
CA VAL A 149 -0.91 -13.68 3.73
C VAL A 149 0.22 -13.33 4.68
N LEU A 150 1.47 -13.72 4.33
CA LEU A 150 2.65 -13.34 5.11
C LEU A 150 3.52 -12.35 4.36
N LYS A 151 4.04 -11.35 5.08
CA LYS A 151 4.93 -10.31 4.51
C LYS A 151 6.01 -9.95 5.55
N GLY A 152 7.26 -9.80 5.12
CA GLY A 152 8.37 -9.45 6.01
C GLY A 152 8.23 -8.08 6.65
N LEU A 153 8.86 -7.85 7.82
CA LEU A 153 8.77 -6.58 8.55
C LEU A 153 9.93 -5.61 8.26
N VAL A 154 11.16 -6.13 8.19
CA VAL A 154 12.36 -5.32 7.93
C VAL A 154 13.19 -5.93 6.81
N HIS A 155 13.88 -5.06 6.04
CA HIS A 155 14.68 -5.51 4.91
C HIS A 155 15.94 -6.26 5.36
N SER A 156 16.46 -5.91 6.57
CA SER A 156 17.65 -6.52 7.19
C SER A 156 17.67 -6.23 8.70
N GLY A 157 18.32 -7.12 9.48
CA GLY A 157 18.47 -6.98 10.93
C GLY A 157 18.69 -8.27 11.70
N ASP A 158 19.40 -8.17 12.85
CA ASP A 158 19.68 -9.31 13.74
C ASP A 158 18.45 -9.68 14.58
N ALA A 159 18.54 -10.72 15.43
CA ALA A 159 17.43 -11.19 16.26
C ALA A 159 16.71 -10.06 17.02
N GLU A 160 17.48 -9.20 17.72
CA GLU A 160 17.00 -8.05 18.51
C GLU A 160 16.26 -7.04 17.63
N ALA A 161 16.77 -6.79 16.40
CA ALA A 161 16.16 -5.86 15.44
C ALA A 161 14.83 -6.41 14.96
N GLN A 162 14.74 -7.74 14.76
CA GLN A 162 13.50 -8.39 14.31
C GLN A 162 12.45 -8.31 15.41
N ALA A 163 12.82 -8.66 16.66
CA ALA A 163 11.96 -8.62 17.85
C ALA A 163 11.39 -7.22 18.09
N MET A 164 12.22 -6.19 17.94
CA MET A 164 11.82 -4.79 18.09
C MET A 164 10.81 -4.39 17.02
N ALA A 165 11.04 -4.81 15.74
CA ALA A 165 10.14 -4.56 14.61
C ALA A 165 8.75 -5.15 14.85
N MET A 166 8.67 -6.42 15.28
CA MET A 166 7.41 -7.12 15.60
C MET A 166 6.63 -6.38 16.70
N ALA A 167 7.30 -6.07 17.84
CA ALA A 167 6.73 -5.37 19.00
C ALA A 167 6.12 -4.01 18.68
N GLU A 168 6.82 -3.18 17.86
CA GLU A 168 6.40 -1.83 17.44
C GLU A 168 5.17 -1.82 16.54
N ARG A 169 4.88 -2.95 15.88
CA ARG A 169 3.74 -3.03 14.96
C ARG A 169 2.56 -3.82 15.51
N GLN A 170 2.72 -4.46 16.71
CA GLN A 170 1.73 -5.30 17.39
C GLN A 170 0.33 -4.64 17.54
N PHE A 171 0.28 -3.32 17.75
CA PHE A 171 -0.96 -2.54 17.86
C PHE A 171 -1.93 -2.73 16.67
N LEU A 172 -1.40 -3.11 15.48
CA LEU A 172 -2.18 -3.29 14.26
C LEU A 172 -3.21 -4.43 14.38
N ALA A 173 -2.92 -5.39 15.27
CA ALA A 173 -3.79 -6.53 15.61
C ALA A 173 -5.08 -6.03 16.26
N GLU A 174 -5.02 -4.82 16.90
CA GLU A 174 -6.15 -4.17 17.55
C GLU A 174 -6.98 -3.28 16.59
N VAL A 175 -6.43 -2.94 15.40
CA VAL A 175 -7.12 -2.15 14.38
C VAL A 175 -8.21 -3.02 13.79
N VAL A 176 -9.46 -2.60 13.97
CA VAL A 176 -10.62 -3.37 13.54
C VAL A 176 -11.58 -2.47 12.77
N HIS A 177 -11.63 -2.64 11.43
CA HIS A 177 -12.57 -1.88 10.61
C HIS A 177 -12.90 -2.70 9.37
N PRO A 178 -14.16 -2.78 8.91
CA PRO A 178 -14.48 -3.61 7.73
C PRO A 178 -13.74 -3.23 6.44
N SER A 179 -13.25 -1.99 6.32
CA SER A 179 -12.54 -1.49 5.13
C SER A 179 -11.01 -1.50 5.26
N ILE A 180 -10.49 -2.02 6.36
CA ILE A 180 -9.02 -2.09 6.58
C ILE A 180 -8.66 -3.56 6.69
N VAL A 181 -7.62 -3.99 5.99
CA VAL A 181 -7.14 -5.37 6.08
C VAL A 181 -6.91 -5.76 7.55
N GLN A 182 -7.38 -6.95 7.95
CA GLN A 182 -7.13 -7.43 9.31
C GLN A 182 -5.75 -8.07 9.43
N ILE A 183 -5.01 -7.70 10.49
CA ILE A 183 -3.70 -8.23 10.89
C ILE A 183 -4.00 -9.26 11.95
N PHE A 184 -3.66 -10.52 11.69
CA PHE A 184 -3.96 -11.61 12.63
C PHE A 184 -2.85 -11.93 13.61
N ASN A 185 -1.59 -11.74 13.20
CA ASN A 185 -0.45 -12.15 14.00
C ASN A 185 0.88 -11.57 13.51
N PHE A 186 1.91 -11.66 14.36
CA PHE A 186 3.31 -11.31 14.11
C PHE A 186 4.09 -12.56 14.49
N VAL A 187 4.81 -13.14 13.53
CA VAL A 187 5.52 -14.41 13.76
C VAL A 187 6.98 -14.37 13.32
N GLU A 188 7.84 -15.20 13.93
CA GLU A 188 9.24 -15.28 13.54
C GLU A 188 9.55 -16.59 12.79
N HIS A 189 10.41 -16.51 11.75
CA HIS A 189 10.89 -17.67 10.99
C HIS A 189 12.33 -17.40 10.49
N THR A 190 13.10 -18.44 10.15
CA THR A 190 14.47 -18.23 9.63
C THR A 190 14.43 -18.01 8.12
N ASP A 191 15.27 -17.11 7.62
CA ASP A 191 15.35 -16.82 6.19
C ASP A 191 16.20 -17.92 5.46
N ARG A 192 16.44 -17.80 4.13
CA ARG A 192 17.20 -18.78 3.35
C ARG A 192 18.66 -18.96 3.80
N HIS A 193 19.18 -18.04 4.63
CA HIS A 193 20.56 -18.10 5.14
C HIS A 193 20.62 -18.59 6.60
N GLY A 194 19.46 -18.80 7.23
CA GLY A 194 19.39 -19.29 8.60
C GLY A 194 19.29 -18.24 9.69
N ASP A 195 19.11 -16.96 9.30
CA ASP A 195 18.97 -15.86 10.25
C ASP A 195 17.46 -15.60 10.53
N PRO A 196 17.03 -15.43 11.82
CA PRO A 196 15.58 -15.22 12.08
C PRO A 196 15.06 -13.90 11.54
N VAL A 197 13.90 -13.95 10.86
CA VAL A 197 13.17 -12.82 10.26
C VAL A 197 11.73 -12.82 10.79
N GLY A 198 11.16 -11.62 10.91
CA GLY A 198 9.80 -11.44 11.37
C GLY A 198 8.82 -11.28 10.23
N TYR A 199 7.58 -11.74 10.43
CA TYR A 199 6.51 -11.64 9.44
C TYR A 199 5.24 -11.11 10.05
N ILE A 200 4.52 -10.31 9.27
CA ILE A 200 3.17 -9.88 9.59
C ILE A 200 2.24 -10.93 8.94
N VAL A 201 1.16 -11.30 9.63
CA VAL A 201 0.20 -12.25 9.10
C VAL A 201 -1.08 -11.46 8.90
N MET A 202 -1.62 -11.47 7.69
CA MET A 202 -2.86 -10.73 7.42
C MET A 202 -3.89 -11.53 6.61
N GLU A 203 -5.14 -11.05 6.65
CA GLU A 203 -6.26 -11.57 5.90
C GLU A 203 -5.92 -11.58 4.40
N TYR A 204 -6.35 -12.61 3.65
CA TYR A 204 -6.17 -12.64 2.20
C TYR A 204 -7.29 -11.76 1.62
N VAL A 205 -6.91 -10.72 0.89
CA VAL A 205 -7.85 -9.77 0.27
C VAL A 205 -7.96 -10.10 -1.22
N GLY A 206 -9.18 -10.37 -1.67
CA GLY A 206 -9.45 -10.67 -3.07
C GLY A 206 -9.31 -9.47 -3.98
N GLY A 207 -9.45 -9.68 -5.28
CA GLY A 207 -9.42 -8.64 -6.30
C GLY A 207 -8.06 -8.03 -6.61
N GLN A 208 -8.08 -6.80 -7.14
CA GLN A 208 -6.87 -6.04 -7.55
C GLN A 208 -6.92 -4.61 -7.03
N SER A 209 -5.76 -3.95 -6.98
CA SER A 209 -5.63 -2.56 -6.54
C SER A 209 -6.33 -1.58 -7.50
N LEU A 210 -6.62 -0.35 -7.06
CA LEU A 210 -7.25 0.71 -7.86
C LEU A 210 -6.26 1.43 -8.77
N LYS A 211 -4.98 1.01 -8.77
CA LYS A 211 -3.97 1.64 -9.61
C LYS A 211 -4.40 1.60 -11.06
N ARG A 212 -4.56 2.78 -11.69
CA ARG A 212 -4.97 2.91 -13.09
C ARG A 212 -3.96 3.68 -13.88
N SER A 213 -3.67 3.21 -15.10
CA SER A 213 -2.72 3.86 -15.99
C SER A 213 -3.44 4.92 -16.81
N LYS A 214 -2.67 5.82 -17.46
CA LYS A 214 -3.13 6.93 -18.30
C LYS A 214 -4.34 6.65 -19.19
N GLY A 215 -4.47 5.42 -19.69
CA GLY A 215 -5.59 5.06 -20.54
C GLY A 215 -6.83 4.49 -19.88
N GLN A 216 -6.78 4.14 -18.59
CA GLN A 216 -7.93 3.55 -17.88
C GLN A 216 -8.34 4.31 -16.59
N LYS A 217 -8.31 5.66 -16.63
CA LYS A 217 -8.72 6.52 -15.51
C LYS A 217 -10.20 6.32 -15.19
N LEU A 218 -10.54 6.34 -13.91
CA LEU A 218 -11.92 6.14 -13.47
C LEU A 218 -12.81 7.34 -13.77
N PRO A 219 -14.10 7.14 -14.13
CA PRO A 219 -15.03 8.26 -14.21
C PRO A 219 -15.13 8.89 -12.81
N VAL A 220 -15.34 10.21 -12.74
CA VAL A 220 -15.36 10.96 -11.50
C VAL A 220 -16.34 10.36 -10.46
N ALA A 221 -17.58 10.03 -10.87
CA ALA A 221 -18.60 9.47 -9.95
C ALA A 221 -18.11 8.19 -9.29
N GLU A 222 -17.49 7.28 -10.07
CA GLU A 222 -16.94 6.01 -9.59
C GLU A 222 -15.82 6.27 -8.53
N ALA A 223 -14.87 7.16 -8.83
CA ALA A 223 -13.74 7.48 -7.93
C ALA A 223 -14.22 8.08 -6.61
N ILE A 224 -15.17 9.03 -6.69
CA ILE A 224 -15.78 9.63 -5.49
C ILE A 224 -16.48 8.57 -4.65
N ALA A 225 -17.32 7.73 -5.29
CA ALA A 225 -18.00 6.65 -4.56
C ALA A 225 -16.98 5.74 -3.85
N TYR A 226 -15.82 5.45 -4.49
CA TYR A 226 -14.75 4.65 -3.87
C TYR A 226 -14.13 5.34 -2.64
N LEU A 227 -13.80 6.62 -2.78
CA LEU A 227 -13.22 7.34 -1.64
C LEU A 227 -14.20 7.59 -0.52
N LEU A 228 -15.52 7.66 -0.82
CA LEU A 228 -16.49 7.83 0.24
C LEU A 228 -16.53 6.57 1.12
N GLU A 229 -16.16 5.42 0.57
CA GLU A 229 -16.12 4.15 1.29
C GLU A 229 -14.81 4.11 2.11
N ILE A 230 -13.76 4.78 1.63
CA ILE A 230 -12.44 4.80 2.30
C ILE A 230 -12.38 5.81 3.44
N LEU A 231 -12.96 7.01 3.24
CA LEU A 231 -12.94 8.07 4.26
C LEU A 231 -13.39 7.62 5.65
N PRO A 232 -14.47 6.83 5.85
CA PRO A 232 -14.79 6.38 7.22
C PRO A 232 -13.68 5.55 7.89
N ALA A 233 -12.90 4.77 7.13
CA ALA A 233 -11.73 3.99 7.66
C ALA A 233 -10.68 4.97 8.18
N LEU A 234 -10.43 6.07 7.43
CA LEU A 234 -9.51 7.12 7.88
C LEU A 234 -10.06 7.78 9.16
N SER A 235 -11.38 8.15 9.18
CA SER A 235 -12.00 8.72 10.39
C SER A 235 -11.82 7.77 11.56
N TYR A 236 -12.00 6.46 11.31
CA TYR A 236 -11.82 5.45 12.37
C TYR A 236 -10.38 5.46 12.88
N LEU A 237 -9.40 5.51 11.97
CA LEU A 237 -7.99 5.54 12.40
C LEU A 237 -7.69 6.80 13.19
N HIS A 238 -8.18 7.97 12.72
CA HIS A 238 -7.94 9.25 13.37
C HIS A 238 -8.57 9.28 14.75
N SER A 239 -9.74 8.61 14.94
CA SER A 239 -10.45 8.52 16.23
C SER A 239 -9.62 7.76 17.27
N ILE A 240 -8.73 6.85 16.84
CA ILE A 240 -7.89 6.10 17.78
C ILE A 240 -6.43 6.62 17.79
N GLY A 241 -6.23 7.83 17.27
CA GLY A 241 -4.96 8.56 17.27
C GLY A 241 -3.94 8.10 16.25
N LEU A 242 -4.41 7.47 15.18
CA LEU A 242 -3.56 6.94 14.14
C LEU A 242 -3.81 7.61 12.78
N VAL A 243 -2.78 7.58 11.94
CA VAL A 243 -2.77 8.13 10.57
C VAL A 243 -2.49 6.92 9.66
N TYR A 244 -3.18 6.82 8.52
CA TYR A 244 -2.92 5.71 7.61
C TYR A 244 -1.58 5.94 6.87
N ASN A 245 -1.32 7.18 6.44
CA ASN A 245 -0.07 7.61 5.83
C ASN A 245 0.30 7.10 4.48
N ASP A 246 -0.38 6.13 3.92
CA ASP A 246 0.09 5.65 2.62
C ASP A 246 -1.01 5.53 1.62
N LEU A 247 -1.99 6.43 1.69
CA LEU A 247 -3.08 6.32 0.76
C LEU A 247 -2.63 6.69 -0.63
N LYS A 248 -2.88 5.77 -1.56
CA LYS A 248 -2.59 5.88 -2.98
C LYS A 248 -3.37 4.75 -3.68
N PRO A 249 -3.66 4.87 -4.99
CA PRO A 249 -4.47 3.84 -5.65
C PRO A 249 -3.97 2.41 -5.45
N GLU A 250 -2.63 2.19 -5.48
CA GLU A 250 -2.07 0.84 -5.34
C GLU A 250 -2.32 0.19 -3.98
N ASN A 251 -2.62 1.01 -2.95
CA ASN A 251 -2.86 0.45 -1.62
C ASN A 251 -4.33 0.23 -1.32
N ILE A 252 -5.19 0.44 -2.31
CA ILE A 252 -6.63 0.25 -2.20
C ILE A 252 -7.02 -0.94 -3.07
N MET A 253 -7.56 -1.98 -2.44
CA MET A 253 -7.99 -3.20 -3.14
C MET A 253 -9.48 -3.14 -3.43
N LEU A 254 -9.85 -3.50 -4.67
CA LEU A 254 -11.24 -3.55 -5.11
C LEU A 254 -11.64 -5.02 -5.21
N THR A 255 -12.55 -5.46 -4.32
CA THR A 255 -12.98 -6.86 -4.27
C THR A 255 -14.36 -6.98 -4.93
N GLU A 256 -14.90 -8.22 -5.02
CA GLU A 256 -16.21 -8.48 -5.60
C GLU A 256 -17.33 -7.87 -4.72
N GLU A 257 -16.97 -7.45 -3.48
CA GLU A 257 -17.92 -6.88 -2.52
C GLU A 257 -17.64 -5.44 -2.10
N GLN A 258 -16.38 -5.12 -1.81
CA GLN A 258 -16.05 -3.83 -1.20
C GLN A 258 -14.66 -3.32 -1.56
N LEU A 259 -14.28 -2.21 -0.95
CA LEU A 259 -12.93 -1.69 -1.04
C LEU A 259 -12.20 -2.05 0.24
N LYS A 260 -10.89 -2.32 0.14
CA LYS A 260 -10.14 -2.59 1.37
C LYS A 260 -8.75 -1.98 1.32
N LEU A 261 -8.36 -1.24 2.37
CA LEU A 261 -6.99 -0.70 2.47
C LEU A 261 -6.05 -1.84 2.88
N ILE A 262 -4.89 -1.94 2.18
CA ILE A 262 -3.87 -2.93 2.53
C ILE A 262 -2.63 -2.12 2.90
N ASP A 263 -1.49 -2.77 3.07
CA ASP A 263 -0.21 -2.14 3.34
C ASP A 263 -0.25 -1.17 4.54
N LEU A 264 -0.35 -1.73 5.74
CA LEU A 264 -0.41 -0.95 6.98
C LEU A 264 0.98 -0.55 7.52
N GLY A 265 2.03 -0.74 6.73
CA GLY A 265 3.43 -0.48 7.08
C GLY A 265 3.74 0.96 7.47
N ALA A 266 3.00 1.93 6.91
CA ALA A 266 3.16 3.35 7.19
C ALA A 266 2.25 3.87 8.32
N VAL A 267 1.25 3.06 8.76
CA VAL A 267 0.32 3.46 9.86
C VAL A 267 1.15 3.95 11.05
N SER A 268 0.88 5.19 11.50
CA SER A 268 1.63 5.77 12.61
C SER A 268 0.77 6.65 13.50
N ARG A 269 1.28 6.96 14.72
CA ARG A 269 0.55 7.84 15.61
C ARG A 269 0.66 9.26 15.05
N ILE A 270 -0.37 10.08 15.29
CA ILE A 270 -0.45 11.49 14.89
C ILE A 270 0.73 12.23 15.53
N ASN A 271 1.38 13.13 14.74
CA ASN A 271 2.50 14.01 15.09
C ASN A 271 3.79 13.27 15.50
N SER A 272 3.93 11.97 15.14
CA SER A 272 5.15 11.22 15.43
C SER A 272 6.09 11.35 14.22
N PHE A 273 7.38 11.24 14.44
CA PHE A 273 8.35 11.42 13.35
C PHE A 273 9.21 10.20 13.07
N GLY A 274 8.85 9.06 13.68
CA GLY A 274 9.54 7.78 13.50
C GLY A 274 9.51 7.26 12.08
N TYR A 275 8.44 7.55 11.33
CA TYR A 275 8.30 7.13 9.94
C TYR A 275 7.91 8.33 9.09
N LEU A 276 8.84 8.86 8.26
CA LEU A 276 8.50 10.01 7.41
C LEU A 276 8.42 9.66 5.92
N TYR A 277 8.74 8.39 5.55
CA TYR A 277 8.74 7.86 4.19
C TYR A 277 7.40 8.05 3.49
N GLY A 278 7.45 8.26 2.19
CA GLY A 278 6.25 8.46 1.38
C GLY A 278 6.56 8.54 -0.11
N THR A 279 5.50 8.63 -0.93
CA THR A 279 5.71 8.70 -2.36
C THR A 279 5.65 10.14 -2.81
N PRO A 280 6.69 10.67 -3.48
CA PRO A 280 6.56 12.00 -4.08
C PRO A 280 5.35 11.97 -5.02
N GLY A 281 4.51 12.97 -4.88
CA GLY A 281 3.32 13.03 -5.69
C GLY A 281 2.08 12.63 -4.91
N PHE A 282 2.28 12.01 -3.72
CA PHE A 282 1.17 11.66 -2.78
C PHE A 282 1.36 12.23 -1.40
N GLN A 283 2.62 12.29 -0.95
CA GLN A 283 2.94 12.74 0.39
C GLN A 283 2.84 14.26 0.55
N ALA A 284 2.29 14.71 1.70
CA ALA A 284 2.10 16.14 2.03
C ALA A 284 3.45 16.83 2.14
N PRO A 285 3.59 18.06 1.61
CA PRO A 285 4.88 18.76 1.67
C PRO A 285 5.43 19.05 3.07
N GLU A 286 4.53 19.29 4.07
CA GLU A 286 4.96 19.64 5.43
C GLU A 286 5.25 18.46 6.40
N ILE A 287 5.21 17.20 5.94
CA ILE A 287 5.43 15.99 6.76
C ILE A 287 6.73 16.06 7.61
N VAL A 288 7.80 16.64 7.07
CA VAL A 288 9.06 16.76 7.81
C VAL A 288 8.90 17.67 9.04
N ARG A 289 8.10 18.73 8.90
CA ARG A 289 7.89 19.69 9.98
C ARG A 289 6.86 19.19 11.02
N THR A 290 5.78 18.53 10.58
CA THR A 290 4.69 18.13 11.48
C THR A 290 4.62 16.63 11.82
N GLY A 291 5.24 15.80 11.00
CA GLY A 291 5.10 14.35 11.13
C GLY A 291 3.73 13.98 10.60
N PRO A 292 3.31 12.71 10.60
CA PRO A 292 1.97 12.38 10.08
C PRO A 292 0.84 13.00 10.91
N THR A 293 -0.17 13.57 10.23
CA THR A 293 -1.30 14.26 10.89
C THR A 293 -2.60 13.95 10.14
N VAL A 294 -3.72 14.39 10.67
CA VAL A 294 -5.00 14.24 9.94
C VAL A 294 -4.89 15.03 8.61
N ALA A 295 -4.25 16.21 8.67
CA ALA A 295 -4.03 17.09 7.51
C ALA A 295 -3.21 16.40 6.43
N THR A 296 -2.15 15.62 6.79
CA THR A 296 -1.34 14.88 5.79
C THR A 296 -2.19 13.77 5.14
N ASP A 297 -3.06 13.10 5.92
CA ASP A 297 -3.96 12.07 5.37
C ASP A 297 -4.99 12.72 4.46
N ILE A 298 -5.51 13.92 4.80
CA ILE A 298 -6.49 14.60 3.90
C ILE A 298 -5.82 14.91 2.55
N TYR A 299 -4.55 15.38 2.60
CA TYR A 299 -3.79 15.71 1.39
C TYR A 299 -3.69 14.47 0.47
N THR A 300 -3.42 13.31 1.05
CA THR A 300 -3.31 12.07 0.27
C THR A 300 -4.67 11.68 -0.35
N VAL A 301 -5.79 12.03 0.29
CA VAL A 301 -7.14 11.78 -0.28
C VAL A 301 -7.25 12.58 -1.58
N GLY A 302 -6.90 13.86 -1.51
CA GLY A 302 -6.93 14.74 -2.68
C GLY A 302 -6.05 14.22 -3.81
N ARG A 303 -4.82 13.81 -3.48
CA ARG A 303 -3.86 13.27 -4.47
C ARG A 303 -4.38 11.95 -5.07
N THR A 304 -5.00 11.11 -4.24
CA THR A 304 -5.55 9.81 -4.66
C THR A 304 -6.71 10.02 -5.63
N LEU A 305 -7.64 10.91 -5.30
CA LEU A 305 -8.74 11.20 -6.24
C LEU A 305 -8.18 11.72 -7.58
N ALA A 306 -7.22 12.67 -7.53
CA ALA A 306 -6.59 13.23 -8.74
C ALA A 306 -5.94 12.11 -9.57
N ALA A 307 -5.14 11.23 -8.92
CA ALA A 307 -4.46 10.14 -9.62
C ALA A 307 -5.43 9.12 -10.24
N LEU A 308 -6.63 8.96 -9.67
CA LEU A 308 -7.62 8.02 -10.21
C LEU A 308 -8.42 8.59 -11.37
N THR A 309 -8.59 9.93 -11.41
CA THR A 309 -9.47 10.57 -12.40
C THR A 309 -8.80 11.44 -13.45
N LEU A 310 -7.63 12.03 -13.16
CA LEU A 310 -6.97 12.98 -14.07
C LEU A 310 -5.77 12.41 -14.81
N ASP A 311 -5.45 13.00 -15.97
CA ASP A 311 -4.28 12.67 -16.75
C ASP A 311 -3.22 13.66 -16.24
N LEU A 312 -2.73 13.39 -15.03
CA LEU A 312 -1.76 14.21 -14.30
C LEU A 312 -0.41 14.19 -14.97
N PRO A 313 0.29 15.35 -15.07
CA PRO A 313 1.63 15.35 -15.65
C PRO A 313 2.56 14.59 -14.73
N THR A 314 3.53 13.88 -15.33
CA THR A 314 4.49 13.08 -14.57
C THR A 314 5.87 13.50 -14.96
N ARG A 315 6.80 13.58 -13.99
CA ARG A 315 8.19 13.95 -14.23
C ARG A 315 9.08 13.01 -13.45
N ASN A 316 10.01 12.33 -14.14
CA ASN A 316 10.91 11.33 -13.56
C ASN A 316 10.11 10.21 -12.81
N GLY A 317 8.99 9.82 -13.41
CA GLY A 317 8.10 8.76 -12.93
C GLY A 317 7.13 9.08 -11.80
N ARG A 318 7.10 10.36 -11.32
CA ARG A 318 6.23 10.80 -10.21
C ARG A 318 5.28 11.89 -10.65
N TYR A 319 4.10 11.95 -10.02
CA TYR A 319 3.13 12.98 -10.36
C TYR A 319 3.64 14.31 -9.83
N VAL A 320 3.51 15.38 -10.62
CA VAL A 320 3.94 16.71 -10.18
C VAL A 320 2.90 17.32 -9.22
N ASP A 321 3.34 18.19 -8.29
CA ASP A 321 2.49 18.84 -7.28
C ASP A 321 1.45 19.74 -7.94
N GLY A 322 0.34 19.92 -7.25
CA GLY A 322 -0.78 20.73 -7.75
C GLY A 322 -1.56 20.02 -8.84
N LEU A 323 -2.47 20.75 -9.48
CA LEU A 323 -3.32 20.19 -10.54
C LEU A 323 -3.10 20.90 -11.87
N PRO A 324 -3.10 20.17 -13.01
CA PRO A 324 -2.85 20.85 -14.30
C PRO A 324 -3.94 21.85 -14.68
N GLU A 325 -3.52 22.99 -15.27
CA GLU A 325 -4.43 24.02 -15.75
C GLU A 325 -5.14 23.51 -17.00
N ASP A 326 -6.38 23.97 -17.22
CA ASP A 326 -7.25 23.65 -18.35
C ASP A 326 -7.52 22.13 -18.54
N ASP A 327 -7.41 21.32 -17.45
CA ASP A 327 -7.69 19.87 -17.48
C ASP A 327 -9.17 19.70 -17.82
N PRO A 328 -9.53 18.85 -18.82
CA PRO A 328 -10.94 18.75 -19.23
C PRO A 328 -11.87 18.27 -18.13
N VAL A 329 -11.41 17.34 -17.28
CA VAL A 329 -12.20 16.80 -16.18
C VAL A 329 -12.56 17.88 -15.13
N LEU A 330 -11.58 18.66 -14.67
CA LEU A 330 -11.81 19.73 -13.67
C LEU A 330 -12.66 20.88 -14.16
N LYS A 331 -12.65 21.13 -15.48
CA LYS A 331 -13.46 22.16 -16.12
C LYS A 331 -14.89 21.63 -16.23
N THR A 332 -15.07 20.31 -16.41
CA THR A 332 -16.39 19.67 -16.50
C THR A 332 -17.08 19.68 -15.12
N TYR A 333 -16.36 19.28 -14.04
CA TYR A 333 -16.92 19.20 -12.67
C TYR A 333 -16.27 20.21 -11.73
N ASP A 334 -16.79 21.46 -11.69
CA ASP A 334 -16.23 22.57 -10.90
C ASP A 334 -16.16 22.35 -9.41
N SER A 335 -17.26 21.90 -8.77
CA SER A 335 -17.25 21.63 -7.32
C SER A 335 -16.22 20.56 -6.96
N TYR A 336 -16.03 19.55 -7.84
CA TYR A 336 -15.03 18.50 -7.68
C TYR A 336 -13.61 19.09 -7.70
N GLY A 337 -13.34 19.95 -8.67
CA GLY A 337 -12.07 20.65 -8.79
C GLY A 337 -11.77 21.50 -7.58
N ARG A 338 -12.81 22.20 -7.05
CA ARG A 338 -12.67 23.04 -5.84
C ARG A 338 -12.32 22.17 -4.62
N LEU A 339 -12.99 21.02 -4.48
CA LEU A 339 -12.74 20.09 -3.37
C LEU A 339 -11.32 19.59 -3.44
N LEU A 340 -10.84 19.21 -4.65
CA LEU A 340 -9.47 18.66 -4.78
C LEU A 340 -8.45 19.70 -4.38
N ARG A 341 -8.63 20.97 -4.83
CA ARG A 341 -7.70 22.06 -4.52
C ARG A 341 -7.66 22.31 -3.02
N ARG A 342 -8.82 22.21 -2.34
CA ARG A 342 -8.88 22.41 -0.88
C ARG A 342 -8.12 21.30 -0.17
N ALA A 343 -8.36 20.04 -0.57
CA ALA A 343 -7.71 18.87 0.02
C ALA A 343 -6.19 18.91 -0.13
N ILE A 344 -5.65 19.44 -1.24
CA ILE A 344 -4.19 19.47 -1.47
C ILE A 344 -3.56 20.82 -1.16
N ASP A 345 -4.28 21.71 -0.48
CA ASP A 345 -3.76 23.04 -0.22
C ASP A 345 -2.36 22.96 0.43
N PRO A 346 -1.31 23.68 -0.07
CA PRO A 346 0.00 23.59 0.60
C PRO A 346 -0.06 23.98 2.08
N ASP A 347 -1.03 24.83 2.49
CA ASP A 347 -1.20 25.18 3.89
C ASP A 347 -2.12 24.11 4.52
N PRO A 348 -1.62 23.25 5.46
CA PRO A 348 -2.50 22.20 6.04
C PRO A 348 -3.75 22.76 6.74
N ARG A 349 -3.67 23.97 7.31
CA ARG A 349 -4.78 24.61 8.01
C ARG A 349 -5.95 24.95 7.07
N GLN A 350 -5.71 24.99 5.75
CA GLN A 350 -6.72 25.32 4.73
C GLN A 350 -7.48 24.09 4.24
N ARG A 351 -6.94 22.90 4.51
CA ARG A 351 -7.54 21.63 4.11
C ARG A 351 -8.72 21.30 5.02
N PHE A 352 -9.53 20.28 4.65
CA PHE A 352 -10.65 19.81 5.47
C PHE A 352 -10.09 19.44 6.85
N THR A 353 -10.76 19.90 7.90
CA THR A 353 -10.29 19.71 9.27
C THR A 353 -10.33 18.27 9.71
N THR A 354 -11.34 17.52 9.27
CA THR A 354 -11.49 16.10 9.60
C THR A 354 -11.87 15.31 8.34
N ALA A 355 -11.70 13.97 8.38
CA ALA A 355 -12.14 13.11 7.29
C ALA A 355 -13.68 13.14 7.20
N GLU A 356 -14.37 13.28 8.35
CA GLU A 356 -15.84 13.36 8.41
C GLU A 356 -16.31 14.63 7.69
N GLU A 357 -15.59 15.74 7.85
CA GLU A 357 -15.91 16.97 7.15
C GLU A 357 -15.70 16.79 5.65
N MET A 358 -14.58 16.17 5.27
CA MET A 358 -14.31 15.92 3.86
C MET A 358 -15.39 15.01 3.23
N SER A 359 -15.82 13.99 3.97
CA SER A 359 -16.88 13.08 3.53
C SER A 359 -18.17 13.85 3.29
N ALA A 360 -18.52 14.78 4.19
CA ALA A 360 -19.74 15.59 4.06
C ALA A 360 -19.72 16.45 2.76
N GLN A 361 -18.56 17.07 2.44
CA GLN A 361 -18.43 17.88 1.23
C GLN A 361 -18.41 17.00 0.00
N LEU A 362 -17.75 15.83 0.12
CA LEU A 362 -17.61 14.90 -0.99
C LEU A 362 -18.94 14.32 -1.41
N THR A 363 -19.84 14.05 -0.45
CA THR A 363 -21.20 13.53 -0.68
C THR A 363 -21.98 14.55 -1.55
N GLY A 364 -21.82 15.84 -1.20
CA GLY A 364 -22.41 16.96 -1.93
C GLY A 364 -21.89 17.02 -3.35
N VAL A 365 -20.59 16.82 -3.52
CA VAL A 365 -19.96 16.80 -4.85
C VAL A 365 -20.49 15.60 -5.68
N LEU A 366 -20.63 14.40 -5.09
CA LEU A 366 -21.15 13.24 -5.79
C LEU A 366 -22.55 13.53 -6.37
N ARG A 367 -23.43 14.15 -5.56
CA ARG A 367 -24.77 14.49 -6.03
C ARG A 367 -24.68 15.41 -7.29
N GLU A 368 -23.78 16.40 -7.26
CA GLU A 368 -23.59 17.35 -8.36
C GLU A 368 -23.02 16.72 -9.63
N VAL A 369 -22.06 15.79 -9.47
CA VAL A 369 -21.42 15.05 -10.57
C VAL A 369 -22.44 14.16 -11.25
N VAL A 370 -23.22 13.39 -10.44
CA VAL A 370 -24.31 12.53 -10.92
C VAL A 370 -25.35 13.36 -11.70
N ALA A 371 -25.74 14.54 -11.17
CA ALA A 371 -26.71 15.41 -11.83
C ALA A 371 -26.15 15.96 -13.17
N GLN A 372 -24.86 16.33 -13.18
CA GLN A 372 -24.20 16.86 -14.38
C GLN A 372 -24.06 15.78 -15.48
N ASP A 373 -23.78 14.53 -15.07
CA ASP A 373 -23.61 13.39 -15.98
C ASP A 373 -24.87 13.03 -16.78
N THR A 374 -26.06 13.56 -16.38
CA THR A 374 -27.32 13.33 -17.08
C THR A 374 -27.44 14.19 -18.33
#